data_8EX0
#
_entry.id   8EX0
#
_cell.length_a   43.986
_cell.length_b   57.576
_cell.length_c   61.185
_cell.angle_alpha   90.000
_cell.angle_beta   110.380
_cell.angle_gamma   90.000
#
_symmetry.space_group_name_H-M   'P 1 21 1'
#
loop_
_entity.id
_entity.type
_entity.pdbx_description
1 polymer 'Tyrosine-protein kinase JAK2'
2 non-polymer 4-{[6-(cyclohexylmethoxy)-7H-purin-2-yl]amino}-N,N-diethylbenzamide
3 water water
#
_entity_poly.entity_id   1
_entity_poly.type   'polypeptide(L)'
_entity_poly.pdbx_seq_one_letter_code
;VFHKIRNEDLIFNESLGQGTFTKIFKGVRREVGDYGQLHETEVLLKVLDKAHRNYSESFFEAASMMSKLSHKHLVLNYGV
CVCGDENILVQEFVKFGSLDTYLKKNKNCINILWKLEVAKQLAAAMHFLEENTLIHGNVCAKNILLIREEDRKTGNPPFI
KLSDPGISITVLPKDILQERIPWVPPECIENPKNLNLATDKWSFGTTLWEICSGGDKPLSALDSQRKLQFYEDRHQLPAP
KAAELANLINNCMDYEPDHRPSFRAIIRDLNSLFTPDLVPRGSHHHHHH
;
_entity_poly.pdbx_strand_id   A
#
loop_
_chem_comp.id
_chem_comp.type
_chem_comp.name
_chem_comp.formula
AQG non-polymer 4-{[6-(cyclohexylmethoxy)-7H-purin-2-yl]amino}-N,N-diethylbenzamide 'C23 H30 N6 O2'
#
# COMPACT_ATOMS: atom_id res chain seq x y z
N VAL A 1 9.34 -14.42 13.80
CA VAL A 1 9.67 -13.35 14.73
C VAL A 1 10.40 -12.25 13.98
N PHE A 2 10.58 -11.11 14.65
CA PHE A 2 11.26 -9.94 14.10
C PHE A 2 12.66 -9.81 14.68
N HIS A 3 13.63 -9.49 13.81
CA HIS A 3 14.96 -9.13 14.28
C HIS A 3 14.89 -7.88 15.15
N LYS A 4 15.50 -7.95 16.33
CA LYS A 4 15.46 -6.82 17.26
C LYS A 4 16.64 -5.90 16.98
N ILE A 5 16.37 -4.61 16.76
CA ILE A 5 17.40 -3.63 16.46
C ILE A 5 17.60 -2.73 17.68
N ARG A 6 18.85 -2.45 18.00
CA ARG A 6 19.17 -1.70 19.21
C ARG A 6 18.89 -0.22 19.02
N ASN A 7 18.23 0.39 19.99
CA ASN A 7 18.01 1.83 19.96
C ASN A 7 19.30 2.58 19.64
N GLU A 8 20.43 2.08 20.14
CA GLU A 8 21.68 2.80 19.96
C GLU A 8 22.24 2.68 18.54
N ASP A 9 21.77 1.74 17.73
CA ASP A 9 22.22 1.69 16.34
C ASP A 9 21.28 2.42 15.37
N LEU A 10 20.28 3.15 15.88
CA LEU A 10 19.36 3.91 15.03
C LEU A 10 19.50 5.40 15.31
N ILE A 11 19.63 6.20 14.26
CA ILE A 11 19.49 7.65 14.36
C ILE A 11 18.24 8.10 13.61
N PHE A 12 17.45 8.94 14.25
CA PHE A 12 16.23 9.49 13.66
C PHE A 12 16.58 10.77 12.98
N ASN A 13 16.26 10.91 11.71
CA ASN A 13 16.37 12.19 11.02
C ASN A 13 14.99 12.71 10.62
N GLU A 14 14.81 13.20 9.42
CA GLU A 14 13.68 14.09 9.18
C GLU A 14 12.35 13.34 9.18
N SER A 15 11.32 14.03 9.65
CA SER A 15 9.94 13.57 9.48
C SER A 15 9.56 13.56 8.01
N LEU A 16 8.97 12.46 7.55
CA LEU A 16 8.47 12.42 6.19
C LEU A 16 6.96 12.54 6.12
N GLY A 17 6.26 12.32 7.23
CA GLY A 17 4.83 12.48 7.27
C GLY A 17 4.22 11.62 8.37
N GLN A 18 2.96 11.25 8.15
CA GLN A 18 2.19 10.51 9.14
C GLN A 18 1.40 9.43 8.41
N GLY A 19 1.24 8.29 9.08
CA GLY A 19 0.25 7.31 8.72
C GLY A 19 -0.86 7.24 9.76
N THR A 20 -1.60 6.15 9.73
CA THR A 20 -2.74 6.01 10.63
C THR A 20 -2.19 5.67 12.00
N PHE A 21 -2.21 6.66 12.91
CA PHE A 21 -1.72 6.55 14.27
C PHE A 21 -0.21 6.36 14.32
N THR A 22 0.49 6.85 13.30
CA THR A 22 1.94 6.69 13.24
C THR A 22 2.59 7.96 12.74
N LYS A 23 3.85 8.14 13.11
CA LYS A 23 4.72 9.14 12.52
C LYS A 23 5.87 8.41 11.82
N ILE A 24 6.31 8.96 10.70
CA ILE A 24 7.23 8.26 9.80
C ILE A 24 8.43 9.17 9.58
N PHE A 25 9.64 8.60 9.73
CA PHE A 25 10.90 9.33 9.65
C PHE A 25 11.88 8.62 8.74
N LYS A 26 12.73 9.42 8.09
CA LYS A 26 13.97 8.89 7.53
C LYS A 26 15.04 8.74 8.63
N GLY A 27 15.82 7.65 8.57
CA GLY A 27 16.87 7.45 9.56
C GLY A 27 18.05 6.65 9.02
N VAL A 28 18.99 6.36 9.94
CA VAL A 28 20.19 5.61 9.61
C VAL A 28 20.31 4.48 10.61
N ARG A 29 20.69 3.29 10.12
CA ARG A 29 20.96 2.16 11.00
C ARG A 29 22.43 1.80 10.81
N ARG A 30 23.16 1.70 11.92
CA ARG A 30 24.51 1.16 11.92
C ARG A 30 24.42 -0.35 12.04
N GLU A 31 25.06 -1.06 11.14
CA GLU A 31 24.98 -2.50 11.21
C GLU A 31 26.26 -3.16 10.71
N VAL A 32 26.44 -4.40 11.11
CA VAL A 32 27.39 -5.28 10.47
C VAL A 32 26.68 -6.05 9.37
N GLY A 33 27.19 -5.96 8.14
CA GLY A 33 26.62 -6.70 7.04
C GLY A 33 27.49 -7.84 6.54
N ASP A 34 27.34 -8.21 5.28
CA ASP A 34 28.06 -9.34 4.72
C ASP A 34 29.57 -9.15 4.87
N TYR A 35 30.26 -10.26 5.12
CA TYR A 35 31.70 -10.30 5.27
C TYR A 35 32.18 -9.50 6.47
N GLY A 36 31.28 -9.14 7.39
CA GLY A 36 31.68 -8.37 8.56
C GLY A 36 31.94 -6.91 8.30
N GLN A 37 31.55 -6.42 7.14
CA GLN A 37 31.70 -5.01 6.82
C GLN A 37 30.69 -4.17 7.60
N LEU A 38 31.18 -3.10 8.22
CA LEU A 38 30.32 -2.13 8.88
C LEU A 38 29.64 -1.22 7.87
N HIS A 39 28.35 -0.93 8.13
CA HIS A 39 27.55 -0.13 7.22
C HIS A 39 26.72 0.87 7.98
N GLU A 40 26.41 1.97 7.31
CA GLU A 40 25.47 2.99 7.82
C GLU A 40 24.39 3.08 6.74
N THR A 41 23.24 2.47 7.02
CA THR A 41 22.23 2.19 6.00
C THR A 41 21.02 3.10 6.20
N GLU A 42 20.55 3.75 5.12
CA GLU A 42 19.30 4.51 5.19
C GLU A 42 18.14 3.59 5.53
N VAL A 43 17.28 4.04 6.45
CA VAL A 43 16.09 3.27 6.80
C VAL A 43 14.88 4.17 6.94
N LEU A 44 13.71 3.52 6.80
CA LEU A 44 12.42 4.14 7.02
C LEU A 44 11.96 3.69 8.39
N LEU A 45 11.67 4.65 9.27
CA LEU A 45 11.28 4.34 10.63
C LEU A 45 9.82 4.69 10.82
N LYS A 46 9.02 3.73 11.23
CA LYS A 46 7.58 3.94 11.48
C LYS A 46 7.35 3.85 12.98
N VAL A 47 6.81 4.90 13.56
CA VAL A 47 6.66 4.98 15.01
C VAL A 47 5.18 5.02 15.38
N LEU A 48 4.73 4.04 16.14
CA LEU A 48 3.35 4.06 16.65
C LEU A 48 3.19 5.18 17.68
N ASP A 49 2.16 5.99 17.51
CA ASP A 49 1.89 7.08 18.45
C ASP A 49 1.76 6.54 19.88
N LYS A 50 2.39 7.21 20.85
CA LYS A 50 2.29 6.77 22.24
C LYS A 50 0.84 6.67 22.69
N ALA A 51 -0.01 7.58 22.23
CA ALA A 51 -1.40 7.58 22.65
C ALA A 51 -2.16 6.36 22.16
N HIS A 52 -1.72 5.75 21.06
CA HIS A 52 -2.43 4.63 20.46
C HIS A 52 -1.69 3.31 20.63
N ARG A 53 -0.86 3.22 21.67
CA ARG A 53 -0.06 2.02 21.91
C ARG A 53 -0.92 0.78 22.05
N ASN A 54 -2.21 0.94 22.39
CA ASN A 54 -3.08 -0.23 22.45
C ASN A 54 -3.24 -0.91 21.10
N TYR A 55 -2.86 -0.26 20.01
CA TYR A 55 -2.89 -0.88 18.69
C TYR A 55 -1.59 -1.58 18.34
N SER A 56 -0.65 -1.68 19.29
CA SER A 56 0.67 -2.17 18.96
C SER A 56 0.63 -3.57 18.37
N GLU A 57 -0.32 -4.40 18.80
CA GLU A 57 -0.34 -5.75 18.24
C GLU A 57 -0.70 -5.72 16.76
N SER A 58 -1.70 -4.93 16.39
CA SER A 58 -2.06 -4.85 14.97
C SER A 58 -0.99 -4.12 14.18
N PHE A 59 -0.36 -3.12 14.79
CA PHE A 59 0.76 -2.41 14.17
C PHE A 59 1.84 -3.38 13.70
N PHE A 60 2.27 -4.28 14.59
CA PHE A 60 3.34 -5.22 14.25
C PHE A 60 2.84 -6.40 13.42
N GLU A 61 1.62 -6.86 13.68
CA GLU A 61 1.07 -7.94 12.85
C GLU A 61 1.08 -7.54 11.38
N ALA A 62 0.79 -6.27 11.10
CA ALA A 62 0.78 -5.79 9.72
C ALA A 62 2.13 -6.01 9.04
N ALA A 63 3.20 -5.67 9.72
CA ALA A 63 4.51 -5.88 9.12
C ALA A 63 4.91 -7.34 9.13
N SER A 64 4.47 -8.09 10.15
CA SER A 64 4.81 -9.51 10.22
C SER A 64 4.21 -10.27 9.04
N MET A 65 3.00 -9.89 8.63
CA MET A 65 2.40 -10.42 7.42
C MET A 65 3.36 -10.32 6.25
N MET A 66 3.83 -9.11 5.96
CA MET A 66 4.75 -8.90 4.85
C MET A 66 6.04 -9.70 5.00
N SER A 67 6.48 -9.95 6.23
CA SER A 67 7.84 -10.46 6.47
C SER A 67 7.98 -11.97 6.37
N LYS A 68 6.95 -12.73 6.73
CA LYS A 68 7.08 -14.19 6.67
C LYS A 68 7.06 -14.71 5.24
N LEU A 69 6.66 -13.88 4.28
CA LEU A 69 6.80 -14.17 2.86
C LEU A 69 7.88 -13.27 2.27
N SER A 70 8.60 -13.79 1.27
CA SER A 70 9.65 -13.06 0.57
C SER A 70 9.28 -12.95 -0.91
N HIS A 71 9.33 -11.74 -1.46
CA HIS A 71 8.98 -11.53 -2.87
C HIS A 71 9.60 -10.23 -3.36
N LYS A 72 9.91 -10.19 -4.67
CA LYS A 72 10.61 -9.02 -5.19
C LYS A 72 9.77 -7.75 -5.11
N HIS A 73 8.45 -7.87 -5.12
CA HIS A 73 7.51 -6.73 -5.13
C HIS A 73 6.97 -6.39 -3.75
N LEU A 74 7.56 -6.92 -2.68
CA LEU A 74 7.11 -6.66 -1.31
C LEU A 74 8.21 -5.96 -0.53
N VAL A 75 7.83 -4.91 0.21
CA VAL A 75 8.80 -4.13 0.98
C VAL A 75 9.52 -5.01 1.98
N LEU A 76 10.81 -4.74 2.18
CA LEU A 76 11.63 -5.47 3.15
C LEU A 76 11.51 -4.83 4.51
N ASN A 77 11.26 -5.65 5.54
CA ASN A 77 11.33 -5.21 6.93
C ASN A 77 12.68 -5.62 7.50
N TYR A 78 13.36 -4.68 8.16
CA TYR A 78 14.66 -4.99 8.75
C TYR A 78 14.54 -5.52 10.17
N GLY A 79 13.53 -5.11 10.88
CA GLY A 79 13.36 -5.47 12.27
C GLY A 79 12.55 -4.44 13.01
N VAL A 80 12.57 -4.57 14.33
CA VAL A 80 11.77 -3.73 15.19
C VAL A 80 12.62 -3.26 16.35
N CYS A 81 12.25 -2.12 16.89
CA CYS A 81 12.87 -1.60 18.10
C CYS A 81 11.74 -1.34 19.08
N VAL A 82 11.64 -2.18 20.13
CA VAL A 82 10.73 -1.88 21.23
C VAL A 82 11.42 -1.11 22.35
N CYS A 83 12.71 -0.80 22.19
CA CYS A 83 13.50 -0.14 23.24
C CYS A 83 12.83 1.14 23.72
N GLY A 84 12.40 1.13 24.98
CA GLY A 84 11.73 2.28 25.56
C GLY A 84 10.23 2.14 25.51
N ASP A 85 9.55 3.27 25.70
CA ASP A 85 8.12 3.35 25.41
C ASP A 85 7.82 3.08 23.94
N GLU A 86 8.75 3.42 23.05
CA GLU A 86 8.44 3.48 21.63
C GLU A 86 8.24 2.09 21.02
N ASN A 87 7.30 2.01 20.08
CA ASN A 87 7.13 0.86 19.20
C ASN A 87 7.55 1.30 17.79
N ILE A 88 8.68 0.78 17.31
CA ILE A 88 9.31 1.24 16.08
C ILE A 88 9.45 0.08 15.10
N LEU A 89 8.93 0.26 13.89
CA LEU A 89 9.17 -0.65 12.79
C LEU A 89 10.24 -0.03 11.89
N VAL A 90 11.23 -0.83 11.52
CA VAL A 90 12.34 -0.43 10.68
C VAL A 90 12.23 -1.14 9.34
N GLN A 91 12.17 -0.36 8.25
CA GLN A 91 12.00 -0.89 6.92
C GLN A 91 13.03 -0.33 5.95
N GLU A 92 13.16 -1.00 4.80
CA GLU A 92 14.03 -0.46 3.77
C GLU A 92 13.52 0.93 3.36
N PHE A 93 14.45 1.79 2.98
CA PHE A 93 14.15 3.13 2.51
C PHE A 93 14.20 3.11 0.99
N VAL A 94 13.08 3.40 0.33
CA VAL A 94 12.98 3.39 -1.13
C VAL A 94 13.36 4.75 -1.69
N LYS A 95 14.09 4.77 -2.80
CA LYS A 95 14.61 6.06 -3.26
C LYS A 95 13.50 7.06 -3.60
N PHE A 96 12.42 6.64 -4.25
CA PHE A 96 11.51 7.60 -4.86
C PHE A 96 10.16 7.74 -4.17
N GLY A 97 9.99 7.15 -2.98
CA GLY A 97 8.84 7.44 -2.17
C GLY A 97 7.59 6.76 -2.68
N SER A 98 6.46 7.30 -2.29
CA SER A 98 5.17 6.68 -2.58
C SER A 98 4.63 7.08 -3.94
N LEU A 99 3.81 6.19 -4.51
CA LEU A 99 3.35 6.38 -5.88
C LEU A 99 2.33 7.50 -6.01
N ASP A 100 1.50 7.74 -5.00
CA ASP A 100 0.49 8.77 -5.13
C ASP A 100 1.11 10.14 -5.32
N THR A 101 2.20 10.42 -4.59
CA THR A 101 2.91 11.67 -4.76
C THR A 101 3.61 11.74 -6.11
N TYR A 102 4.22 10.63 -6.50
CA TYR A 102 4.95 10.59 -7.76
C TYR A 102 4.03 10.80 -8.96
N LEU A 103 2.84 10.21 -8.93
CA LEU A 103 1.90 10.38 -10.03
C LEU A 103 1.52 11.84 -10.18
N LYS A 104 1.35 12.53 -9.05
CA LYS A 104 0.97 13.93 -9.10
C LYS A 104 2.12 14.76 -9.64
N LYS A 105 3.31 14.55 -9.09
CA LYS A 105 4.46 15.38 -9.47
C LYS A 105 4.78 15.19 -10.95
N ASN A 106 4.63 13.97 -11.47
CA ASN A 106 5.06 13.67 -12.83
C ASN A 106 3.89 13.40 -13.76
N LYS A 107 2.73 14.01 -13.50
CA LYS A 107 1.55 13.81 -14.33
C LYS A 107 1.90 13.94 -15.81
N ASN A 108 2.40 15.10 -16.22
CA ASN A 108 2.74 15.36 -17.61
C ASN A 108 4.11 14.74 -17.92
N CYS A 109 4.14 13.42 -17.89
CA CYS A 109 5.37 12.67 -18.08
C CYS A 109 5.14 11.16 -17.97
N ILE A 110 4.00 10.77 -17.40
CA ILE A 110 3.64 9.37 -17.25
C ILE A 110 2.63 9.03 -18.33
N ASN A 111 2.94 8.04 -19.16
CA ASN A 111 2.04 7.63 -20.23
C ASN A 111 1.40 6.29 -19.92
N ILE A 112 0.58 5.82 -20.88
CA ILE A 112 -0.22 4.62 -20.65
C ILE A 112 0.65 3.41 -20.46
N LEU A 113 1.79 3.33 -21.16
CA LEU A 113 2.64 2.15 -21.00
C LEU A 113 3.25 2.08 -19.61
N TRP A 114 3.61 3.22 -19.03
CA TRP A 114 4.13 3.24 -17.65
C TRP A 114 3.06 2.78 -16.67
N LYS A 115 1.84 3.30 -16.82
CA LYS A 115 0.75 2.88 -15.95
C LYS A 115 0.50 1.38 -16.07
N LEU A 116 0.61 0.84 -17.29
CA LEU A 116 0.35 -0.59 -17.47
C LEU A 116 1.45 -1.42 -16.82
N GLU A 117 2.71 -0.99 -16.94
CA GLU A 117 3.78 -1.74 -16.30
C GLU A 117 3.58 -1.73 -14.79
N VAL A 118 3.18 -0.59 -14.24
CA VAL A 118 2.98 -0.52 -12.79
C VAL A 118 1.81 -1.39 -12.38
N ALA A 119 0.71 -1.35 -13.14
CA ALA A 119 -0.45 -2.15 -12.80
C ALA A 119 -0.11 -3.64 -12.82
N LYS A 120 0.65 -4.08 -13.83
CA LYS A 120 1.06 -5.47 -13.91
C LYS A 120 1.92 -5.90 -12.72
N GLN A 121 2.84 -5.03 -12.29
CA GLN A 121 3.66 -5.34 -11.13
C GLN A 121 2.79 -5.45 -9.89
N LEU A 122 1.85 -4.51 -9.69
CA LEU A 122 1.00 -4.62 -8.51
C LEU A 122 0.14 -5.88 -8.60
N ALA A 123 -0.34 -6.19 -9.79
CA ALA A 123 -1.13 -7.41 -9.92
C ALA A 123 -0.30 -8.65 -9.62
N ALA A 124 0.98 -8.64 -10.01
CA ALA A 124 1.84 -9.80 -9.71
C ALA A 124 1.99 -9.97 -8.21
N ALA A 125 2.21 -8.87 -7.49
CA ALA A 125 2.32 -8.95 -6.05
C ALA A 125 1.04 -9.48 -5.43
N MET A 126 -0.11 -9.02 -5.93
CA MET A 126 -1.36 -9.45 -5.34
C MET A 126 -1.68 -10.91 -5.68
N HIS A 127 -1.28 -11.34 -6.87
CA HIS A 127 -1.38 -12.77 -7.22
C HIS A 127 -0.56 -13.65 -6.27
N PHE A 128 0.68 -13.25 -5.98
CA PHE A 128 1.48 -13.94 -4.97
C PHE A 128 0.76 -14.03 -3.63
N LEU A 129 0.18 -12.92 -3.17
CA LEU A 129 -0.52 -12.97 -1.88
C LEU A 129 -1.75 -13.86 -1.98
N GLU A 130 -2.49 -13.76 -3.08
CA GLU A 130 -3.68 -14.60 -3.25
C GLU A 130 -3.32 -16.06 -3.22
N GLU A 131 -2.26 -16.45 -3.94
CA GLU A 131 -1.85 -17.85 -3.95
C GLU A 131 -1.44 -18.34 -2.56
N ASN A 132 -0.96 -17.44 -1.72
CA ASN A 132 -0.61 -17.75 -0.34
C ASN A 132 -1.75 -17.48 0.62
N THR A 133 -2.93 -17.17 0.09
CA THR A 133 -4.10 -16.84 0.91
C THR A 133 -3.76 -15.86 2.02
N LEU A 134 -3.02 -14.81 1.66
CA LEU A 134 -2.67 -13.74 2.57
C LEU A 134 -3.43 -12.46 2.17
N ILE A 135 -4.22 -11.94 3.10
CA ILE A 135 -4.97 -10.71 2.88
C ILE A 135 -4.07 -9.54 3.25
N HIS A 136 -3.98 -8.54 2.36
CA HIS A 136 -3.28 -7.29 2.69
C HIS A 136 -4.19 -6.36 3.49
N GLY A 137 -5.31 -5.95 2.88
CA GLY A 137 -6.29 -5.16 3.58
C GLY A 137 -6.18 -3.67 3.44
N ASN A 138 -5.11 -3.17 2.82
CA ASN A 138 -5.00 -1.73 2.62
C ASN A 138 -4.19 -1.43 1.36
N VAL A 139 -4.68 -1.96 0.23
CA VAL A 139 -4.07 -1.67 -1.08
C VAL A 139 -4.50 -0.29 -1.52
N CYS A 140 -3.51 0.58 -1.75
CA CYS A 140 -3.75 1.95 -2.22
C CYS A 140 -2.44 2.55 -2.71
N ALA A 141 -2.55 3.62 -3.47
CA ALA A 141 -1.34 4.15 -4.09
C ALA A 141 -0.38 4.74 -3.05
N LYS A 142 -0.89 5.19 -1.90
CA LYS A 142 0.03 5.60 -0.84
C LYS A 142 0.90 4.46 -0.34
N ASN A 143 0.44 3.23 -0.50
CA ASN A 143 1.15 2.05 -0.02
C ASN A 143 1.92 1.35 -1.12
N ILE A 144 2.10 2.01 -2.26
CA ILE A 144 2.99 1.52 -3.31
C ILE A 144 4.22 2.42 -3.36
N LEU A 145 5.38 1.80 -3.38
CA LEU A 145 6.64 2.53 -3.34
C LEU A 145 7.36 2.38 -4.67
N LEU A 146 8.07 3.43 -5.07
CA LEU A 146 8.76 3.44 -6.35
C LEU A 146 10.26 3.26 -6.07
N ILE A 147 10.77 2.11 -6.46
CA ILE A 147 12.14 1.73 -6.25
C ILE A 147 13.05 2.32 -7.32
N ARG A 148 12.61 2.25 -8.56
CA ARG A 148 13.38 2.64 -9.72
C ARG A 148 12.46 3.37 -10.70
N GLU A 149 12.94 4.49 -11.20
CA GLU A 149 12.20 5.21 -12.23
C GLU A 149 12.37 4.50 -13.55
N GLU A 150 11.47 4.81 -14.49
CA GLU A 150 11.64 4.38 -15.86
C GLU A 150 12.86 5.06 -16.47
N ASP A 151 13.56 4.32 -17.34
CA ASP A 151 14.70 4.85 -18.10
C ASP A 151 14.51 4.45 -19.56
N ARG A 152 13.83 5.31 -20.33
CA ARG A 152 13.65 5.04 -21.76
C ARG A 152 14.99 4.71 -22.42
N LYS A 153 16.06 5.41 -22.04
CA LYS A 153 17.35 5.22 -22.69
C LYS A 153 17.81 3.77 -22.64
N THR A 154 17.70 3.14 -21.48
CA THR A 154 18.04 1.72 -21.33
C THR A 154 16.85 0.80 -21.55
N GLY A 155 15.68 1.33 -21.89
CA GLY A 155 14.48 0.52 -21.97
C GLY A 155 14.00 -0.06 -20.65
N ASN A 156 14.60 0.34 -19.53
CA ASN A 156 14.21 -0.20 -18.24
C ASN A 156 12.86 0.33 -17.81
N PRO A 157 11.95 -0.51 -17.32
CA PRO A 157 10.67 -0.01 -16.80
C PRO A 157 10.82 0.47 -15.37
N PRO A 158 9.80 1.14 -14.83
CA PRO A 158 9.80 1.41 -13.39
C PRO A 158 9.64 0.12 -12.59
N PHE A 159 9.98 0.20 -11.32
CA PHE A 159 9.88 -0.97 -10.46
C PHE A 159 9.26 -0.51 -9.14
N ILE A 160 8.17 -1.18 -8.72
CA ILE A 160 7.47 -0.82 -7.51
C ILE A 160 7.52 -1.96 -6.49
N LYS A 161 7.21 -1.59 -5.26
CA LYS A 161 6.94 -2.55 -4.21
C LYS A 161 5.70 -2.16 -3.45
N LEU A 162 5.04 -3.16 -2.90
CA LEU A 162 3.87 -2.94 -2.05
C LEU A 162 4.32 -2.92 -0.60
N SER A 163 3.87 -1.89 0.13
CA SER A 163 4.23 -1.71 1.53
C SER A 163 3.24 -2.46 2.42
N ASP A 164 3.51 -2.46 3.72
CA ASP A 164 2.60 -3.12 4.66
C ASP A 164 1.30 -2.35 4.82
N PRO A 165 0.23 -3.01 5.28
CA PRO A 165 -1.09 -2.38 5.35
C PRO A 165 -1.31 -1.40 6.49
N GLY A 166 -0.42 -1.36 7.49
CA GLY A 166 -0.70 -0.57 8.68
C GLY A 166 -1.76 -1.27 9.56
N ILE A 167 -2.18 -0.53 10.58
CA ILE A 167 -3.14 -1.10 11.53
C ILE A 167 -4.36 -1.58 10.75
N SER A 168 -4.82 -2.79 11.05
CA SER A 168 -5.89 -3.41 10.28
C SER A 168 -7.22 -2.68 10.39
N ILE A 169 -8.01 -2.70 9.29
CA ILE A 169 -9.35 -2.11 9.35
C ILE A 169 -10.27 -2.86 10.29
N THR A 170 -9.92 -4.10 10.65
CA THR A 170 -10.75 -4.82 11.60
C THR A 170 -10.68 -4.28 13.02
N VAL A 171 -9.77 -3.36 13.33
CA VAL A 171 -9.70 -2.79 14.66
C VAL A 171 -9.81 -1.27 14.67
N LEU A 172 -9.93 -0.65 13.52
CA LEU A 172 -9.91 0.80 13.52
C LEU A 172 -11.30 1.36 13.79
N PRO A 173 -11.39 2.60 14.28
CA PRO A 173 -12.70 3.22 14.49
C PRO A 173 -13.46 3.43 13.18
N LYS A 174 -14.80 3.40 13.29
CA LYS A 174 -15.65 3.48 12.10
C LYS A 174 -15.40 4.75 11.30
N ASP A 175 -15.11 5.87 11.96
CA ASP A 175 -14.95 7.12 11.21
C ASP A 175 -13.70 7.08 10.33
N ILE A 176 -12.65 6.39 10.76
CA ILE A 176 -11.50 6.21 9.88
C ILE A 176 -11.87 5.33 8.70
N LEU A 177 -12.60 4.23 8.97
CA LEU A 177 -13.01 3.35 7.89
C LEU A 177 -13.85 4.09 6.87
N GLN A 178 -14.77 4.95 7.33
CA GLN A 178 -15.63 5.64 6.39
C GLN A 178 -14.84 6.60 5.54
N GLU A 179 -13.85 7.27 6.13
CA GLU A 179 -13.02 8.16 5.35
C GLU A 179 -12.24 7.41 4.29
N ARG A 180 -12.03 6.12 4.47
CA ARG A 180 -11.26 5.34 3.52
C ARG A 180 -12.10 4.76 2.41
N ILE A 181 -13.40 5.02 2.40
CA ILE A 181 -14.17 4.77 1.18
C ILE A 181 -13.57 5.61 0.07
N PRO A 182 -13.36 5.11 -1.13
CA PRO A 182 -13.76 3.80 -1.65
C PRO A 182 -12.66 2.76 -1.74
N TRP A 183 -11.60 2.86 -0.92
CA TRP A 183 -10.62 1.78 -0.87
C TRP A 183 -11.15 0.62 -0.04
N VAL A 184 -11.86 0.94 1.03
CA VAL A 184 -12.48 -0.09 1.87
C VAL A 184 -13.75 -0.53 1.17
N PRO A 185 -13.95 -1.83 0.92
CA PRO A 185 -15.08 -2.23 0.10
C PRO A 185 -16.40 -2.16 0.85
N PRO A 186 -17.52 -2.15 0.12
CA PRO A 186 -18.83 -1.97 0.81
C PRO A 186 -19.07 -3.02 1.88
N GLU A 187 -18.66 -4.26 1.67
CA GLU A 187 -18.97 -5.28 2.68
C GLU A 187 -18.18 -5.08 3.96
N CYS A 188 -17.02 -4.43 3.91
CA CYS A 188 -16.27 -4.13 5.11
C CYS A 188 -16.78 -2.89 5.83
N ILE A 189 -17.45 -1.99 5.12
CA ILE A 189 -18.19 -0.92 5.81
C ILE A 189 -19.36 -1.51 6.57
N GLU A 190 -20.06 -2.47 5.96
CA GLU A 190 -21.14 -3.15 6.66
C GLU A 190 -20.62 -3.85 7.90
N ASN A 191 -19.44 -4.45 7.81
CA ASN A 191 -18.87 -5.26 8.87
C ASN A 191 -17.38 -5.46 8.64
N PRO A 192 -16.50 -4.73 9.34
CA PRO A 192 -15.07 -4.83 9.03
C PRO A 192 -14.53 -6.22 9.19
N LYS A 193 -15.22 -7.10 9.92
CA LYS A 193 -14.78 -8.49 10.02
C LYS A 193 -15.08 -9.30 8.77
N ASN A 194 -15.77 -8.73 7.79
CA ASN A 194 -15.89 -9.35 6.46
C ASN A 194 -14.58 -9.26 5.65
N LEU A 195 -13.49 -8.81 6.25
CA LEU A 195 -12.24 -8.64 5.51
C LEU A 195 -11.76 -9.99 5.01
N ASN A 196 -11.50 -10.08 3.70
CA ASN A 196 -11.33 -11.33 2.97
C ASN A 196 -10.40 -11.07 1.78
N LEU A 197 -10.00 -12.15 1.10
CA LEU A 197 -9.21 -11.99 -0.12
C LEU A 197 -9.93 -11.12 -1.14
N ALA A 198 -11.25 -11.28 -1.27
CA ALA A 198 -12.03 -10.43 -2.14
C ALA A 198 -11.86 -8.95 -1.81
N THR A 199 -11.61 -8.60 -0.53
CA THR A 199 -11.37 -7.20 -0.19
C THR A 199 -10.30 -6.59 -1.07
N ASP A 200 -9.21 -7.33 -1.29
CA ASP A 200 -8.07 -6.75 -1.99
C ASP A 200 -8.35 -6.56 -3.47
N LYS A 201 -9.26 -7.34 -4.06
CA LYS A 201 -9.61 -7.11 -5.45
C LYS A 201 -10.35 -5.79 -5.63
N TRP A 202 -11.24 -5.46 -4.72
CA TRP A 202 -11.91 -4.16 -4.76
C TRP A 202 -10.90 -3.01 -4.67
N SER A 203 -10.04 -3.05 -3.66
CA SER A 203 -9.07 -1.98 -3.43
C SER A 203 -8.06 -1.89 -4.55
N PHE A 204 -7.70 -3.01 -5.16
CA PHE A 204 -6.87 -2.96 -6.36
C PHE A 204 -7.53 -2.14 -7.45
N GLY A 205 -8.85 -2.29 -7.64
CA GLY A 205 -9.53 -1.45 -8.60
C GLY A 205 -9.43 0.03 -8.25
N THR A 206 -9.62 0.37 -6.98
CA THR A 206 -9.49 1.77 -6.56
C THR A 206 -8.08 2.29 -6.81
N THR A 207 -7.09 1.43 -6.61
CA THR A 207 -5.72 1.85 -6.82
C THR A 207 -5.41 2.04 -8.30
N LEU A 208 -5.96 1.20 -9.18
CA LEU A 208 -5.81 1.46 -10.61
C LEU A 208 -6.44 2.78 -11.01
N TRP A 209 -7.57 3.11 -10.41
CA TRP A 209 -8.18 4.40 -10.69
C TRP A 209 -7.21 5.52 -10.28
N GLU A 210 -6.57 5.40 -9.13
CA GLU A 210 -5.60 6.41 -8.73
C GLU A 210 -4.49 6.51 -9.76
N ILE A 211 -3.92 5.36 -10.17
CA ILE A 211 -2.81 5.34 -11.12
C ILE A 211 -3.20 6.04 -12.42
N CYS A 212 -4.45 5.89 -12.81
CA CYS A 212 -4.93 6.48 -14.04
C CYS A 212 -5.39 7.93 -13.87
N SER A 213 -5.42 8.45 -12.64
CA SER A 213 -5.95 9.78 -12.37
C SER A 213 -4.88 10.75 -11.88
N GLY A 214 -3.63 10.51 -12.23
CA GLY A 214 -2.58 11.44 -11.87
C GLY A 214 -2.51 11.75 -10.40
N GLY A 215 -2.88 10.79 -9.55
CA GLY A 215 -2.78 11.04 -8.12
C GLY A 215 -3.99 11.71 -7.49
N ASP A 216 -5.03 12.01 -8.25
CA ASP A 216 -6.30 12.38 -7.62
C ASP A 216 -6.74 11.28 -6.68
N LYS A 217 -7.49 11.68 -5.66
CA LYS A 217 -8.11 10.73 -4.75
C LYS A 217 -9.58 10.59 -5.09
N PRO A 218 -10.06 9.38 -5.36
CA PRO A 218 -11.46 9.23 -5.72
C PRO A 218 -12.39 9.62 -4.58
N LEU A 219 -13.45 10.35 -4.95
CA LEU A 219 -14.49 10.78 -4.04
C LEU A 219 -13.98 11.73 -2.95
N SER A 220 -12.81 12.36 -3.13
CA SER A 220 -12.30 13.21 -2.07
C SER A 220 -13.23 14.38 -1.79
N ALA A 221 -14.05 14.78 -2.76
CA ALA A 221 -14.98 15.90 -2.50
C ALA A 221 -16.15 15.47 -1.63
N LEU A 222 -16.37 14.17 -1.43
CA LEU A 222 -17.47 13.71 -0.60
C LEU A 222 -17.05 13.53 0.84
N ASP A 223 -17.85 14.07 1.76
CA ASP A 223 -17.63 13.85 3.19
C ASP A 223 -18.10 12.44 3.57
N SER A 224 -17.79 12.03 4.80
CA SER A 224 -17.99 10.61 5.14
C SER A 224 -19.44 10.18 5.01
N GLN A 225 -20.39 11.07 5.34
CA GLN A 225 -21.79 10.73 5.15
C GLN A 225 -22.12 10.50 3.68
N ARG A 226 -21.60 11.34 2.79
CA ARG A 226 -21.90 11.18 1.39
C ARG A 226 -21.14 9.97 0.80
N LYS A 227 -20.00 9.61 1.37
CA LYS A 227 -19.32 8.38 0.92
C LYS A 227 -20.14 7.15 1.27
N LEU A 228 -20.74 7.14 2.47
CA LEU A 228 -21.63 6.06 2.85
C LEU A 228 -22.81 5.94 1.89
N GLN A 229 -23.44 7.07 1.56
CA GLN A 229 -24.58 7.04 0.65
C GLN A 229 -24.17 6.60 -0.75
N PHE A 230 -22.94 6.94 -1.14
CA PHE A 230 -22.40 6.46 -2.41
C PHE A 230 -22.48 4.95 -2.48
N TYR A 231 -22.06 4.28 -1.41
CA TYR A 231 -22.15 2.82 -1.41
C TYR A 231 -23.62 2.37 -1.33
N GLU A 232 -24.43 3.07 -0.54
CA GLU A 232 -25.83 2.64 -0.39
C GLU A 232 -26.58 2.76 -1.70
N ASP A 233 -26.23 3.71 -2.55
CA ASP A 233 -26.83 3.80 -3.86
C ASP A 233 -26.13 2.97 -4.93
N ARG A 234 -25.08 2.23 -4.58
CA ARG A 234 -24.39 1.32 -5.50
C ARG A 234 -23.79 2.05 -6.70
N HIS A 235 -23.22 3.22 -6.45
CA HIS A 235 -22.54 3.93 -7.51
C HIS A 235 -21.19 3.30 -7.82
N GLN A 236 -20.68 3.61 -9.00
CA GLN A 236 -19.32 3.28 -9.38
C GLN A 236 -18.52 4.57 -9.58
N LEU A 237 -17.21 4.44 -9.60
CA LEU A 237 -16.34 5.58 -9.83
C LEU A 237 -16.43 6.02 -11.28
N PRO A 238 -16.26 7.31 -11.55
CA PRO A 238 -16.24 7.77 -12.94
C PRO A 238 -15.02 7.21 -13.65
N ALA A 239 -15.14 7.06 -14.96
CA ALA A 239 -13.98 6.56 -15.71
C ALA A 239 -12.87 7.61 -15.62
N PRO A 240 -11.64 7.19 -15.37
CA PRO A 240 -10.55 8.16 -15.28
C PRO A 240 -10.32 8.89 -16.59
N LYS A 241 -9.70 10.06 -16.43
CA LYS A 241 -8.94 10.76 -17.46
C LYS A 241 -8.56 9.82 -18.59
N ALA A 242 -7.50 9.07 -18.37
CA ALA A 242 -7.07 8.03 -19.30
C ALA A 242 -7.95 6.82 -19.06
N ALA A 243 -8.85 6.54 -19.99
CA ALA A 243 -9.94 5.60 -19.75
C ALA A 243 -9.56 4.17 -20.12
N GLU A 244 -8.28 3.90 -20.40
CA GLU A 244 -7.93 2.58 -20.93
C GLU A 244 -8.23 1.45 -19.96
N LEU A 245 -8.17 1.71 -18.65
CA LEU A 245 -8.37 0.66 -17.66
C LEU A 245 -9.70 0.78 -16.95
N ALA A 246 -10.61 1.62 -17.44
CA ALA A 246 -11.87 1.84 -16.74
C ALA A 246 -12.68 0.56 -16.60
N ASN A 247 -12.71 -0.26 -17.66
CA ASN A 247 -13.47 -1.51 -17.56
C ASN A 247 -12.90 -2.41 -16.49
N LEU A 248 -11.56 -2.56 -16.43
CA LEU A 248 -10.96 -3.40 -15.40
C LEU A 248 -11.26 -2.87 -14.00
N ILE A 249 -11.21 -1.55 -13.84
CA ILE A 249 -11.51 -0.94 -12.55
C ILE A 249 -12.92 -1.31 -12.11
N ASN A 250 -13.86 -1.16 -13.02
CA ASN A 250 -15.26 -1.45 -12.66
C ASN A 250 -15.47 -2.93 -12.40
N ASN A 251 -14.79 -3.78 -13.15
CA ASN A 251 -14.93 -5.22 -12.93
C ASN A 251 -14.40 -5.61 -11.58
N CYS A 252 -13.31 -4.96 -11.15
CA CYS A 252 -12.73 -5.20 -9.85
C CYS A 252 -13.60 -4.66 -8.72
N MET A 253 -14.13 -3.45 -8.88
CA MET A 253 -15.01 -2.93 -7.84
C MET A 253 -16.45 -3.38 -8.08
N ASP A 254 -16.64 -4.68 -7.91
CA ASP A 254 -17.94 -5.32 -8.01
C ASP A 254 -18.57 -5.41 -6.63
N TYR A 255 -19.80 -4.91 -6.49
CA TYR A 255 -20.46 -4.96 -5.19
C TYR A 255 -20.71 -6.38 -4.70
N GLU A 256 -20.63 -7.37 -5.59
CA GLU A 256 -20.74 -8.75 -5.17
C GLU A 256 -19.33 -9.31 -5.01
N PRO A 257 -18.84 -9.54 -3.79
CA PRO A 257 -17.42 -9.89 -3.64
C PRO A 257 -17.05 -11.18 -4.33
N ASP A 258 -17.99 -12.14 -4.42
CA ASP A 258 -17.69 -13.43 -5.03
C ASP A 258 -17.57 -13.34 -6.54
N HIS A 259 -17.99 -12.24 -7.14
CA HIS A 259 -17.82 -12.05 -8.57
C HIS A 259 -16.56 -11.31 -8.95
N ARG A 260 -15.75 -10.84 -8.00
CA ARG A 260 -14.58 -10.09 -8.39
C ARG A 260 -13.57 -11.07 -8.97
N PRO A 261 -12.90 -10.71 -10.06
CA PRO A 261 -12.02 -11.66 -10.76
C PRO A 261 -10.77 -11.99 -9.95
N SER A 262 -10.27 -13.21 -10.18
CA SER A 262 -8.99 -13.61 -9.63
C SER A 262 -7.88 -12.72 -10.16
N PHE A 263 -6.77 -12.66 -9.41
CA PHE A 263 -5.63 -11.90 -9.91
C PHE A 263 -5.01 -12.55 -11.16
N ARG A 264 -5.11 -13.86 -11.31
CA ARG A 264 -4.72 -14.45 -12.59
C ARG A 264 -5.54 -13.85 -13.75
N ALA A 265 -6.86 -13.79 -13.60
CA ALA A 265 -7.68 -13.20 -14.66
C ALA A 265 -7.32 -11.73 -14.88
N ILE A 266 -7.13 -11.01 -13.80
CA ILE A 266 -6.72 -9.61 -13.89
C ILE A 266 -5.42 -9.48 -14.68
N ILE A 267 -4.44 -10.33 -14.38
CA ILE A 267 -3.20 -10.26 -15.13
C ILE A 267 -3.45 -10.57 -16.61
N ARG A 268 -4.26 -11.58 -16.92
CA ARG A 268 -4.56 -11.86 -18.32
C ARG A 268 -5.18 -10.64 -19.01
N ASP A 269 -6.11 -9.96 -18.35
CA ASP A 269 -6.71 -8.75 -18.94
C ASP A 269 -5.67 -7.67 -19.19
N LEU A 270 -4.78 -7.43 -18.23
CA LEU A 270 -3.76 -6.40 -18.40
C LEU A 270 -2.87 -6.71 -19.60
N ASN A 271 -2.39 -7.96 -19.68
CA ASN A 271 -1.53 -8.37 -20.78
C ASN A 271 -2.19 -8.27 -22.15
N SER A 272 -3.49 -7.98 -22.22
CA SER A 272 -4.24 -7.97 -23.47
C SER A 272 -4.46 -6.57 -24.03
N LEU A 273 -3.48 -5.67 -23.93
CA LEU A 273 -3.68 -4.29 -24.38
C LEU A 273 -2.46 -3.70 -25.09
C4 AQG B . 9.88 3.74 2.37
C5 AQG B . 8.55 4.10 2.62
C6 AQG B . 8.11 5.29 2.23
C8 AQG B . 8.68 2.05 3.48
N1 AQG B . 8.88 6.13 1.62
N2 AQG B . 11.08 6.67 0.71
N3 AQG B . 10.68 4.61 1.76
C2 AQG B . 10.15 5.82 1.38
CAA AQG B . 11.13 11.43 -3.91
CAB AQG B . 11.78 14.56 -2.17
CAD AQG B . 11.77 8.55 -0.44
CAE AQG B . 9.87 8.91 1.11
CAF AQG B . 11.68 9.99 -0.81
CAG AQG B . 9.80 10.18 0.78
CAI AQG B . 4.94 10.11 4.15
CAJ AQG B . 4.94 8.74 4.80
CAK AQG B . 4.75 10.02 2.65
CAL AQG B . 9.92 11.71 -3.03
CAM AQG B . 10.33 14.07 -2.17
CAN AQG B . 5.43 7.62 3.89
CAO AQG B . 5.89 9.25 1.99
CAP AQG B . 6.34 6.77 1.75
CAW AQG B . 10.70 12.20 -0.64
CAX AQG B . 10.93 8.06 0.44
CAY AQG B . 10.76 10.74 -0.25
CBD AQG B . 6.34 7.97 2.70
N7 AQG B . 8.01 3.10 3.21
N9 AQG B . 9.91 2.34 2.97
NBE AQG B . 10.32 12.63 -1.96
O6 AQG B . 6.78 5.64 2.47
OAC AQG B . 11.03 13.01 0.18
H1 AQG B . 8.48 1.42 4.13
H2 AQG B . 11.82 6.29 0.41
H3 AQG B . 11.93 11.79 -3.49
H4 AQG B . 11.01 11.85 -4.78
H5 AQG B . 11.24 10.47 -4.02
H6 AQG B . 12.07 14.72 -3.09
H7 AQG B . 12.35 13.89 -1.76
H8 AQG B . 11.84 15.39 -1.67
H9 AQG B . 12.40 8.00 -0.84
H10 AQG B . 9.29 8.55 1.74
H11 AQG B . 12.27 10.37 -1.43
H12 AQG B . 9.17 10.74 1.18
H13 AQG B . 4.23 10.64 4.53
H14 AQG B . 5.79 10.55 4.33
H15 AQG B . 5.52 8.77 5.57
H16 AQG B . 4.04 8.53 5.08
H17 AQG B . 3.91 9.57 2.47
H18 AQG B . 4.71 10.93 2.28
H19 AQG B . 9.22 12.12 -3.56
H20 AQG B . 9.60 10.88 -2.65
H21 AQG B . 9.84 14.51 -1.46
H22 AQG B . 9.92 14.28 -3.03
H23 AQG B . 5.93 6.99 4.44
H24 AQG B . 4.65 7.18 3.52
H25 AQG B . 5.62 9.02 1.09
H26 AQG B . 6.66 9.85 1.94
H27 AQG B . 5.44 6.61 1.41
H28 AQG B . 6.94 6.93 1.00
H29 AQG B . 7.24 8.15 3.02
H30 AQG B . 7.30 3.27 3.71
#